data_4F3P
#
_entry.id   4F3P
#
_cell.length_a   56.330
_cell.length_b   74.500
_cell.length_c   60.190
_cell.angle_alpha   90.00
_cell.angle_beta   100.63
_cell.angle_gamma   90.00
#
_symmetry.space_group_name_H-M   'P 1 21 1'
#
loop_
_entity.id
_entity.type
_entity.pdbx_description
1 polymer 'Glutamine-binding periplasmic protein'
2 water water
#
_entity_poly.entity_id   1
_entity_poly.type   'polypeptide(L)'
_entity_poly.pdbx_seq_one_letter_code
;MAHHHHHHMGTLEAQTQGPGSMAKELVVGTDTSFMPFEFKQGDKYVGFDLDLWAEIAKGAGWTYKIQPMDFAGLIPALQT
QNIDVALSGMTIKEERRKAIDFSDPYYDSGLAAMVQANNTTIKSIDDLNGKVIAAKTGTATIDWIKAHLKPKEIRQFPNI
DQAYLALEAGRVDAAMHDTPNVLFFVNNEGKGRVKVAGAPVSGDKYGIGFPKGSPLVAKVNAELARMKADGRYAKIYKKW
FGSEPPKSQ
;
_entity_poly.pdbx_strand_id   A,B
#
# COMPACT_ATOMS: atom_id res chain seq x y z
N LYS A 24 -13.74 7.77 -2.92
CA LYS A 24 -12.23 7.79 -2.83
C LYS A 24 -11.62 6.53 -2.23
N GLU A 25 -10.53 6.03 -2.82
CA GLU A 25 -9.90 4.83 -2.31
C GLU A 25 -8.93 5.20 -1.17
N LEU A 26 -9.32 4.80 0.06
CA LEU A 26 -8.61 5.19 1.27
C LEU A 26 -7.29 4.45 1.36
N VAL A 27 -6.28 5.17 1.81
CA VAL A 27 -4.97 4.58 2.15
C VAL A 27 -4.91 4.40 3.66
N VAL A 28 -4.91 3.12 4.06
CA VAL A 28 -4.94 2.73 5.46
C VAL A 28 -3.54 2.25 5.91
N GLY A 29 -2.83 3.14 6.61
CA GLY A 29 -1.55 2.81 7.27
C GLY A 29 -1.81 1.73 8.31
N THR A 30 -0.98 0.70 8.28
CA THR A 30 -1.14 -0.46 9.15
CA THR A 30 -1.14 -0.45 9.15
C THR A 30 0.23 -0.90 9.69
N ASP A 31 0.30 -1.24 10.98
CA ASP A 31 1.59 -1.63 11.61
C ASP A 31 2.24 -2.86 10.98
N THR A 32 3.54 -2.78 10.72
CA THR A 32 4.33 -3.85 10.09
C THR A 32 4.06 -5.20 10.81
N SER A 33 3.93 -5.14 12.13
CA SER A 33 3.82 -6.34 12.98
C SER A 33 3.34 -6.04 14.39
N PHE A 34 2.05 -6.28 14.68
CA PHE A 34 1.51 -6.11 16.00
C PHE A 34 0.43 -7.16 16.29
N MET A 35 0.86 -8.39 16.51
CA MET A 35 -0.06 -9.53 16.78
C MET A 35 -0.84 -9.29 18.09
N PRO A 36 -2.13 -9.66 18.13
CA PRO A 36 -2.96 -10.23 17.06
C PRO A 36 -3.83 -9.19 16.34
N PHE A 37 -3.39 -7.93 16.37
CA PHE A 37 -4.13 -6.85 15.71
C PHE A 37 -3.85 -6.73 14.22
N GLU A 38 -2.56 -6.83 13.81
CA GLU A 38 -2.08 -6.83 12.40
C GLU A 38 -0.82 -7.67 12.36
N PHE A 39 -0.72 -8.69 11.55
CA PHE A 39 0.53 -9.41 11.48
C PHE A 39 0.54 -10.26 10.23
N LYS A 40 1.72 -10.55 9.72
CA LYS A 40 1.83 -11.34 8.46
C LYS A 40 1.60 -12.83 8.74
N GLN A 41 0.64 -13.43 8.04
CA GLN A 41 0.44 -14.90 8.10
C GLN A 41 0.52 -15.45 6.68
N GLY A 42 1.60 -16.14 6.36
CA GLY A 42 1.89 -16.53 4.98
C GLY A 42 2.25 -15.30 4.15
N ASP A 43 1.45 -15.05 3.10
CA ASP A 43 1.57 -13.90 2.20
C ASP A 43 0.64 -12.72 2.60
N LYS A 44 -0.25 -13.01 3.54
CA LYS A 44 -1.36 -12.14 3.82
C LYS A 44 -1.24 -11.53 5.23
N TYR A 45 -1.69 -10.29 5.36
CA TYR A 45 -1.88 -9.70 6.67
C TYR A 45 -3.26 -10.03 7.22
N VAL A 46 -3.33 -10.38 8.50
CA VAL A 46 -4.61 -10.70 9.15
C VAL A 46 -4.60 -10.09 10.52
N GLY A 47 -5.74 -10.09 11.19
CA GLY A 47 -5.79 -9.67 12.60
C GLY A 47 -7.07 -8.94 12.97
N PHE A 48 -7.25 -8.73 14.28
CA PHE A 48 -8.42 -8.06 14.84
C PHE A 48 -8.68 -6.70 14.20
N ASP A 49 -7.65 -5.84 14.08
CA ASP A 49 -7.82 -4.50 13.48
C ASP A 49 -8.32 -4.62 12.03
N LEU A 50 -7.74 -5.58 11.28
CA LEU A 50 -8.05 -5.77 9.88
C LEU A 50 -9.53 -6.18 9.74
N ASP A 51 -9.97 -7.15 10.54
CA ASP A 51 -11.34 -7.62 10.48
C ASP A 51 -12.30 -6.52 10.94
N LEU A 52 -11.95 -5.81 12.00
CA LEU A 52 -12.78 -4.71 12.47
C LEU A 52 -13.01 -3.67 11.38
N TRP A 53 -11.89 -3.28 10.76
CA TRP A 53 -11.89 -2.24 9.75
C TRP A 53 -12.58 -2.68 8.48
N ALA A 54 -12.41 -3.93 8.10
CA ALA A 54 -13.09 -4.46 6.92
C ALA A 54 -14.62 -4.29 7.15
N GLU A 55 -15.09 -4.54 8.35
CA GLU A 55 -16.53 -4.51 8.62
C GLU A 55 -17.06 -3.08 8.70
N ILE A 56 -16.31 -2.18 9.33
CA ILE A 56 -16.60 -0.73 9.25
C ILE A 56 -16.66 -0.24 7.79
N ALA A 57 -15.66 -0.62 6.96
CA ALA A 57 -15.55 -0.15 5.55
C ALA A 57 -16.74 -0.66 4.77
N LYS A 58 -17.03 -1.94 4.93
CA LYS A 58 -18.19 -2.56 4.26
C LYS A 58 -19.49 -1.80 4.57
N GLY A 59 -19.78 -1.55 5.85
CA GLY A 59 -21.00 -0.86 6.22
C GLY A 59 -21.06 0.58 5.77
N ALA A 60 -19.90 1.26 5.71
CA ALA A 60 -19.87 2.65 5.24
C ALA A 60 -19.92 2.71 3.70
N GLY A 61 -19.51 1.63 3.02
CA GLY A 61 -19.39 1.62 1.56
C GLY A 61 -18.08 2.20 1.02
N TRP A 62 -16.99 2.06 1.76
CA TRP A 62 -15.68 2.58 1.34
C TRP A 62 -14.83 1.47 0.82
N THR A 63 -14.06 1.76 -0.23
CA THR A 63 -12.97 0.88 -0.66
C THR A 63 -11.63 1.44 -0.13
N TYR A 64 -10.66 0.55 0.05
CA TYR A 64 -9.42 0.91 0.67
C TYR A 64 -8.30 -0.02 0.22
N LYS A 65 -7.06 0.44 0.43
CA LYS A 65 -5.90 -0.45 0.44
C LYS A 65 -5.11 -0.23 1.68
N ILE A 66 -4.47 -1.28 2.18
CA ILE A 66 -3.59 -1.09 3.33
C ILE A 66 -2.14 -0.89 2.92
N GLN A 67 -1.42 -0.24 3.79
CA GLN A 67 -0.02 0.13 3.56
C GLN A 67 0.71 -0.18 4.86
N PRO A 68 1.29 -1.37 4.93
CA PRO A 68 2.09 -1.73 6.08
C PRO A 68 3.25 -0.77 6.28
N MET A 69 3.52 -0.36 7.50
CA MET A 69 4.64 0.54 7.84
C MET A 69 4.93 0.50 9.33
N ASP A 70 6.18 0.68 9.69
CA ASP A 70 6.58 0.67 11.08
C ASP A 70 5.82 1.76 11.82
N PHE A 71 5.43 1.41 13.04
CA PHE A 71 4.62 2.28 13.90
C PHE A 71 5.09 3.72 13.94
N ALA A 72 6.38 3.94 14.10
CA ALA A 72 6.91 5.33 14.25
C ALA A 72 6.51 6.22 13.08
N GLY A 73 6.24 5.67 11.90
CA GLY A 73 5.83 6.51 10.73
C GLY A 73 4.34 6.90 10.73
N LEU A 74 3.49 6.21 11.50
CA LEU A 74 2.02 6.39 11.32
C LEU A 74 1.48 7.77 11.75
N ILE A 75 1.86 8.22 12.95
CA ILE A 75 1.40 9.53 13.37
C ILE A 75 1.89 10.64 12.42
N PRO A 76 3.20 10.64 12.12
CA PRO A 76 3.65 11.58 11.09
C PRO A 76 2.95 11.47 9.75
N ALA A 77 2.62 10.27 9.29
CA ALA A 77 1.92 10.14 8.02
C ALA A 77 0.47 10.70 8.15
N LEU A 78 -0.14 10.59 9.32
CA LEU A 78 -1.46 11.18 9.54
C LEU A 78 -1.40 12.72 9.54
N GLN A 79 -0.39 13.28 10.19
CA GLN A 79 -0.19 14.74 10.22
C GLN A 79 0.05 15.34 8.83
N THR A 80 0.65 14.59 7.91
CA THR A 80 0.90 15.13 6.59
C THR A 80 -0.19 14.72 5.60
N GLN A 81 -1.22 13.99 6.05
CA GLN A 81 -2.31 13.49 5.19
C GLN A 81 -1.77 12.56 4.11
N ASN A 82 -0.71 11.81 4.42
CA ASN A 82 -0.19 10.81 3.49
C ASN A 82 -0.91 9.45 3.64
N ILE A 83 -1.60 9.25 4.75
CA ILE A 83 -2.53 8.14 4.88
C ILE A 83 -3.82 8.74 5.41
N ASP A 84 -4.96 8.11 5.14
CA ASP A 84 -6.27 8.58 5.65
C ASP A 84 -6.71 7.96 6.99
N VAL A 85 -6.17 6.78 7.29
CA VAL A 85 -6.50 6.00 8.44
C VAL A 85 -5.25 5.29 8.94
N ALA A 86 -5.13 5.10 10.24
CA ALA A 86 -4.06 4.30 10.88
C ALA A 86 -4.69 3.22 11.74
N LEU A 87 -4.26 1.98 11.50
CA LEU A 87 -4.64 0.82 12.29
C LEU A 87 -3.43 0.25 12.97
N SER A 88 -3.35 0.34 14.29
CA SER A 88 -2.12 -0.16 14.96
C SER A 88 -2.29 -0.42 16.42
N GLY A 89 -3.50 -0.81 16.85
CA GLY A 89 -3.80 -0.87 18.27
C GLY A 89 -3.27 0.40 18.92
N MET A 90 -3.62 1.54 18.30
CA MET A 90 -3.05 2.85 18.70
C MET A 90 -3.70 3.34 19.99
N THR A 91 -2.86 3.54 20.99
CA THR A 91 -3.33 4.00 22.28
C THR A 91 -3.81 5.44 22.21
N ILE A 92 -5.05 5.67 22.68
CA ILE A 92 -5.63 7.03 22.79
C ILE A 92 -4.91 7.81 23.90
N LYS A 93 -4.32 8.96 23.58
CA LYS A 93 -3.55 9.81 24.51
C LYS A 93 -3.90 11.25 24.19
N GLU A 94 -4.08 12.02 25.24
CA GLU A 94 -4.43 13.42 25.11
C GLU A 94 -3.35 14.22 24.37
N GLU A 95 -2.10 13.84 24.59
CA GLU A 95 -0.99 14.43 23.88
C GLU A 95 -1.04 14.19 22.35
N ARG A 96 -1.46 13.01 21.96
CA ARG A 96 -1.53 12.67 20.55
C ARG A 96 -2.72 13.36 19.90
N ARG A 97 -3.81 13.56 20.66
CA ARG A 97 -4.99 14.30 20.16
C ARG A 97 -4.67 15.73 19.68
N LYS A 98 -3.57 16.29 20.18
CA LYS A 98 -3.06 17.56 19.71
C LYS A 98 -2.75 17.50 18.21
N ALA A 99 -2.21 16.36 17.75
CA ALA A 99 -1.75 16.15 16.37
C ALA A 99 -2.75 15.40 15.47
N ILE A 100 -3.48 14.43 16.05
CA ILE A 100 -4.36 13.59 15.26
C ILE A 100 -5.73 13.40 15.94
N ASP A 101 -6.65 12.76 15.21
CA ASP A 101 -8.00 12.48 15.67
C ASP A 101 -8.14 10.96 15.85
N PHE A 102 -8.93 10.58 16.85
CA PHE A 102 -9.17 9.18 17.18
C PHE A 102 -10.64 8.83 17.01
N SER A 103 -10.94 7.61 16.55
CA SER A 103 -12.27 7.04 16.77
C SER A 103 -12.55 6.90 18.26
N ASP A 104 -13.80 6.53 18.56
CA ASP A 104 -14.17 6.01 19.86
C ASP A 104 -13.34 4.76 20.17
N PRO A 105 -13.15 4.44 21.45
CA PRO A 105 -12.30 3.31 21.82
C PRO A 105 -12.92 2.02 21.37
N TYR A 106 -12.09 1.10 20.93
CA TYR A 106 -12.56 -0.20 20.49
C TYR A 106 -11.91 -1.39 21.22
N TYR A 107 -11.07 -1.14 22.24
CA TYR A 107 -10.32 -2.19 22.92
C TYR A 107 -9.65 -1.65 24.19
N ASP A 108 -9.70 -2.41 25.27
CA ASP A 108 -9.13 -2.05 26.55
C ASP A 108 -7.86 -2.83 26.72
N SER A 109 -6.75 -2.13 26.92
CA SER A 109 -5.44 -2.78 26.91
C SER A 109 -4.62 -2.30 28.11
N GLY A 110 -3.34 -2.60 28.04
CA GLY A 110 -2.40 -2.21 29.10
C GLY A 110 -0.99 -2.55 28.66
N LEU A 111 -0.08 -2.58 29.64
CA LEU A 111 1.31 -2.90 29.42
C LEU A 111 1.73 -4.08 30.29
N ALA A 112 2.62 -4.92 29.75
CA ALA A 112 3.14 -6.08 30.46
C ALA A 112 4.66 -6.18 30.25
N ALA A 113 5.34 -6.76 31.24
CA ALA A 113 6.78 -7.07 31.19
C ALA A 113 6.96 -8.52 30.80
N MET A 114 7.92 -8.79 29.91
CA MET A 114 8.31 -10.16 29.51
C MET A 114 9.77 -10.38 29.91
N VAL A 115 10.07 -11.60 30.40
CA VAL A 115 11.40 -11.99 30.82
C VAL A 115 11.66 -13.41 30.29
N GLN A 116 12.91 -13.86 30.26
CA GLN A 116 13.21 -15.26 29.85
C GLN A 116 12.58 -16.26 30.82
N ALA A 117 12.13 -17.42 30.30
CA ALA A 117 11.51 -18.49 31.17
C ALA A 117 12.39 -18.81 32.38
N ASN A 118 13.66 -18.94 32.09
CA ASN A 118 14.85 -18.85 32.98
C ASN A 118 14.77 -18.00 34.27
N ASN A 119 14.18 -16.80 34.12
CA ASN A 119 14.41 -15.69 35.04
C ASN A 119 13.64 -15.85 36.34
N THR A 120 14.37 -15.70 37.44
CA THR A 120 13.84 -15.86 38.77
C THR A 120 13.94 -14.55 39.57
N THR A 121 14.55 -13.51 38.99
CA THR A 121 14.93 -12.27 39.68
C THR A 121 13.86 -11.16 39.54
N ILE A 122 13.12 -11.12 38.42
CA ILE A 122 12.21 -10.02 38.16
C ILE A 122 10.82 -10.53 38.42
N LYS A 123 10.24 -10.11 39.56
CA LYS A 123 8.97 -10.61 40.06
C LYS A 123 7.83 -9.64 39.80
N SER A 124 8.11 -8.33 39.81
CA SER A 124 7.12 -7.33 39.39
C SER A 124 7.66 -6.38 38.29
N ILE A 125 6.82 -5.45 37.81
CA ILE A 125 7.34 -4.35 36.98
C ILE A 125 8.31 -3.39 37.77
N ASP A 126 8.14 -3.29 39.10
CA ASP A 126 9.00 -2.45 39.95
C ASP A 126 10.43 -2.97 39.95
N ASP A 127 10.60 -4.28 39.73
CA ASP A 127 11.96 -4.88 39.64
C ASP A 127 12.71 -4.51 38.37
N LEU A 128 12.07 -3.77 37.46
CA LEU A 128 12.74 -3.31 36.26
C LEU A 128 13.61 -2.03 36.46
N ASN A 129 13.48 -1.36 37.60
CA ASN A 129 14.43 -0.28 37.95
C ASN A 129 15.86 -0.82 37.92
N GLY A 130 16.76 -0.09 37.30
CA GLY A 130 18.15 -0.54 37.18
C GLY A 130 18.44 -1.60 36.11
N LYS A 131 17.43 -2.06 35.37
CA LYS A 131 17.60 -3.09 34.36
C LYS A 131 17.57 -2.53 32.92
N VAL A 132 17.98 -3.38 31.98
CA VAL A 132 17.98 -3.08 30.56
C VAL A 132 16.67 -3.61 29.98
N ILE A 133 15.82 -2.71 29.50
CA ILE A 133 14.50 -3.05 29.00
C ILE A 133 14.45 -2.83 27.48
N ALA A 134 14.06 -3.86 26.72
CA ALA A 134 13.85 -3.77 25.25
C ALA A 134 12.45 -3.27 25.05
N ALA A 135 12.27 -2.37 24.10
CA ALA A 135 10.95 -1.80 23.83
C ALA A 135 10.92 -1.27 22.37
N LYS A 136 9.73 -0.90 21.89
CA LYS A 136 9.56 -0.53 20.47
C LYS A 136 9.55 1.00 20.28
N THR A 137 10.38 1.48 19.37
CA THR A 137 10.56 2.89 19.05
C THR A 137 9.26 3.57 18.71
N GLY A 138 9.05 4.76 19.30
CA GLY A 138 7.85 5.55 19.02
C GLY A 138 6.55 5.13 19.68
N THR A 139 6.53 4.03 20.45
CA THR A 139 5.30 3.60 21.09
C THR A 139 5.09 4.17 22.48
N ALA A 140 3.86 4.06 22.95
CA ALA A 140 3.48 4.54 24.27
C ALA A 140 4.29 3.86 25.37
N THR A 141 4.78 2.66 25.11
CA THR A 141 5.56 1.93 26.10
C THR A 141 6.81 2.73 26.59
N ILE A 142 7.47 3.45 25.70
CA ILE A 142 8.65 4.18 26.04
C ILE A 142 8.30 5.33 27.02
N ASP A 143 7.25 6.06 26.66
CA ASP A 143 6.70 7.16 27.50
C ASP A 143 6.33 6.71 28.89
N TRP A 144 5.79 5.50 28.99
CA TRP A 144 5.36 4.97 30.26
C TRP A 144 6.56 4.62 31.11
N ILE A 145 7.53 3.94 30.51
CA ILE A 145 8.79 3.60 31.20
C ILE A 145 9.48 4.89 31.72
N LYS A 146 9.59 5.88 30.86
CA LYS A 146 10.27 7.13 31.21
C LYS A 146 9.50 7.83 32.35
N ALA A 147 8.17 7.70 32.38
CA ALA A 147 7.36 8.35 33.39
C ALA A 147 7.45 7.64 34.72
N HIS A 148 7.58 6.31 34.70
CA HIS A 148 7.31 5.50 35.92
C HIS A 148 8.44 4.62 36.42
N LEU A 149 9.50 4.45 35.65
CA LEU A 149 10.60 3.58 36.03
C LEU A 149 11.93 4.34 35.93
N LYS A 150 12.96 3.81 36.55
CA LYS A 150 14.30 4.40 36.50
C LYS A 150 15.24 3.26 36.01
N PRO A 151 15.11 2.85 34.71
CA PRO A 151 15.91 1.73 34.14
C PRO A 151 17.36 2.09 33.89
N LYS A 152 18.21 1.08 33.81
CA LYS A 152 19.58 1.27 33.37
C LYS A 152 19.63 1.73 31.93
N GLU A 153 18.79 1.13 31.10
CA GLU A 153 18.73 1.46 29.66
C GLU A 153 17.37 1.08 29.06
N ILE A 154 16.90 1.91 28.12
CA ILE A 154 15.82 1.55 27.21
C ILE A 154 16.42 1.28 25.81
N ARG A 155 16.57 0.00 25.47
CA ARG A 155 17.02 -0.41 24.17
C ARG A 155 15.86 -0.51 23.17
N GLN A 156 15.91 0.37 22.16
CA GLN A 156 14.81 0.60 21.26
C GLN A 156 14.96 -0.18 19.96
N PHE A 157 13.88 -0.81 19.55
CA PHE A 157 13.84 -1.51 18.27
C PHE A 157 12.67 -1.01 17.45
N PRO A 158 12.87 -0.89 16.13
CA PRO A 158 11.72 -0.46 15.31
C PRO A 158 10.48 -1.33 15.37
N ASN A 159 10.67 -2.63 15.54
CA ASN A 159 9.59 -3.64 15.59
C ASN A 159 9.77 -4.54 16.79
N ILE A 160 8.65 -4.97 17.38
CA ILE A 160 8.66 -5.57 18.68
C ILE A 160 9.25 -6.96 18.57
N ASP A 161 9.12 -7.59 17.41
CA ASP A 161 9.74 -8.90 17.16
C ASP A 161 11.22 -8.93 17.54
N GLN A 162 11.93 -7.84 17.26
CA GLN A 162 13.40 -7.81 17.52
C GLN A 162 13.67 -7.61 19.02
N ALA A 163 12.80 -6.84 19.69
CA ALA A 163 12.83 -6.71 21.14
C ALA A 163 12.77 -8.09 21.80
N TYR A 164 11.86 -8.93 21.32
CA TYR A 164 11.68 -10.23 21.91
C TYR A 164 12.87 -11.15 21.58
N LEU A 165 13.40 -11.05 20.35
CA LEU A 165 14.60 -11.75 19.99
C LEU A 165 15.76 -11.35 20.92
N ALA A 166 15.93 -10.04 21.18
CA ALA A 166 17.03 -9.57 22.06
C ALA A 166 16.89 -10.18 23.47
N LEU A 167 15.64 -10.35 23.92
CA LEU A 167 15.38 -11.02 25.21
C LEU A 167 15.75 -12.49 25.16
N GLU A 168 15.30 -13.18 24.13
CA GLU A 168 15.61 -14.63 23.97
C GLU A 168 17.09 -14.88 23.92
N ALA A 169 17.83 -13.95 23.32
CA ALA A 169 19.26 -14.09 23.15
C ALA A 169 20.00 -13.66 24.41
N GLY A 170 19.28 -13.18 25.43
CA GLY A 170 19.90 -12.75 26.67
C GLY A 170 20.63 -11.42 26.64
N ARG A 171 20.30 -10.55 25.67
CA ARG A 171 20.97 -9.26 25.55
C ARG A 171 20.28 -8.17 26.41
N VAL A 172 19.07 -8.43 26.89
CA VAL A 172 18.32 -7.47 27.73
C VAL A 172 17.76 -8.28 28.87
N ASP A 173 17.47 -7.62 29.98
CA ASP A 173 16.85 -8.30 31.12
C ASP A 173 15.37 -8.55 30.90
N ALA A 174 14.70 -7.68 30.16
CA ALA A 174 13.25 -7.78 29.98
C ALA A 174 12.84 -7.03 28.70
N ALA A 175 11.62 -7.28 28.23
CA ALA A 175 10.97 -6.42 27.23
C ALA A 175 9.64 -6.00 27.82
N MET A 176 9.10 -4.86 27.37
CA MET A 176 7.78 -4.46 27.74
C MET A 176 7.02 -4.08 26.49
N HIS A 177 5.72 -4.35 26.48
CA HIS A 177 4.83 -3.82 25.47
C HIS A 177 3.38 -4.05 25.82
N ASP A 178 2.47 -3.76 24.89
CA ASP A 178 1.07 -3.93 25.13
C ASP A 178 0.77 -5.37 25.59
N THR A 179 -0.07 -5.45 26.61
CA THR A 179 -0.47 -6.73 27.21
C THR A 179 -0.86 -7.84 26.22
N PRO A 180 -1.88 -7.60 25.40
CA PRO A 180 -2.28 -8.67 24.49
C PRO A 180 -1.15 -9.13 23.51
N ASN A 181 -0.25 -8.25 23.08
CA ASN A 181 0.87 -8.62 22.21
C ASN A 181 1.88 -9.50 22.99
N VAL A 182 2.18 -9.13 24.21
CA VAL A 182 3.07 -9.90 25.07
C VAL A 182 2.47 -11.25 25.37
N LEU A 183 1.19 -11.27 25.71
CA LEU A 183 0.50 -12.53 26.10
C LEU A 183 0.41 -13.47 24.91
N PHE A 184 0.07 -12.90 23.77
CA PHE A 184 0.03 -13.65 22.53
C PHE A 184 1.39 -14.26 22.16
N PHE A 185 2.48 -13.50 22.30
CA PHE A 185 3.80 -14.10 22.03
C PHE A 185 4.11 -15.22 23.00
N VAL A 186 3.91 -14.96 24.29
CA VAL A 186 4.19 -15.94 25.34
C VAL A 186 3.43 -17.26 25.11
N ASN A 187 2.21 -17.18 24.62
CA ASN A 187 1.44 -18.38 24.38
C ASN A 187 1.67 -19.08 23.05
N ASN A 188 2.22 -18.38 22.08
CA ASN A 188 2.42 -18.95 20.76
C ASN A 188 3.93 -19.07 20.47
N GLU A 189 4.50 -18.17 19.68
CA GLU A 189 5.89 -18.37 19.25
C GLU A 189 6.86 -18.50 20.46
N GLY A 190 6.64 -17.73 21.54
CA GLY A 190 7.53 -17.76 22.70
C GLY A 190 7.30 -18.82 23.78
N LYS A 191 6.36 -19.72 23.56
CA LYS A 191 6.00 -20.79 24.52
C LYS A 191 7.24 -21.54 25.05
N GLY A 192 7.47 -21.42 26.35
CA GLY A 192 8.57 -22.08 27.01
C GLY A 192 9.94 -21.41 26.90
N ARG A 193 10.04 -20.29 26.19
CA ARG A 193 11.30 -19.51 26.13
C ARG A 193 11.23 -18.19 26.94
N VAL A 194 10.03 -17.59 26.94
CA VAL A 194 9.76 -16.37 27.68
C VAL A 194 8.49 -16.48 28.50
N LYS A 195 8.31 -15.58 29.45
CA LYS A 195 7.10 -15.54 30.29
C LYS A 195 6.77 -14.11 30.74
N VAL A 196 5.55 -13.89 31.25
CA VAL A 196 5.12 -12.60 31.81
C VAL A 196 5.73 -12.52 33.21
N ALA A 197 6.30 -11.36 33.54
CA ALA A 197 6.81 -11.08 34.85
C ALA A 197 5.86 -10.12 35.54
N GLY A 198 5.35 -10.54 36.69
CA GLY A 198 4.45 -9.69 37.48
C GLY A 198 3.07 -9.60 36.91
N ALA A 199 2.40 -8.50 37.21
CA ALA A 199 1.03 -8.25 36.74
C ALA A 199 1.08 -7.13 35.70
N PRO A 200 0.26 -7.24 34.64
CA PRO A 200 0.12 -6.09 33.75
C PRO A 200 -0.48 -4.88 34.44
N VAL A 201 -0.17 -3.70 33.91
CA VAL A 201 -0.85 -2.46 34.31
C VAL A 201 -1.91 -2.14 33.23
N SER A 202 -3.14 -1.95 33.66
CA SER A 202 -4.25 -1.85 32.73
C SER A 202 -4.73 -0.41 32.67
N GLY A 203 -5.80 -0.12 31.93
CA GLY A 203 -6.33 1.26 31.85
C GLY A 203 -6.17 1.99 30.52
N ASP A 204 -5.49 1.40 29.56
CA ASP A 204 -5.28 2.03 28.26
C ASP A 204 -6.46 1.69 27.34
N LYS A 205 -6.71 2.54 26.34
CA LYS A 205 -7.71 2.23 25.28
C LYS A 205 -7.14 2.47 23.88
N TYR A 206 -7.58 1.65 22.92
CA TYR A 206 -7.18 1.81 21.55
C TYR A 206 -8.21 2.57 20.74
N GLY A 207 -7.73 3.40 19.82
CA GLY A 207 -8.57 4.00 18.77
C GLY A 207 -7.96 3.88 17.38
N ILE A 208 -8.83 3.93 16.37
CA ILE A 208 -8.39 4.12 15.00
C ILE A 208 -7.94 5.57 14.82
N GLY A 209 -6.76 5.78 14.23
CA GLY A 209 -6.16 7.11 14.03
C GLY A 209 -6.50 7.75 12.68
N PHE A 210 -6.68 9.06 12.68
CA PHE A 210 -7.04 9.80 11.47
C PHE A 210 -6.34 11.13 11.46
N PRO A 211 -6.17 11.75 10.27
CA PRO A 211 -5.69 13.16 10.28
C PRO A 211 -6.64 14.09 11.04
N LYS A 212 -6.07 15.10 11.69
CA LYS A 212 -6.80 16.10 12.42
C LYS A 212 -7.89 16.68 11.54
N GLY A 213 -9.11 16.72 12.06
CA GLY A 213 -10.26 17.24 11.30
C GLY A 213 -10.82 16.30 10.24
N SER A 214 -10.36 15.05 10.14
CA SER A 214 -10.87 14.11 9.12
C SER A 214 -12.39 13.97 9.23
N PRO A 215 -13.08 13.99 8.09
CA PRO A 215 -14.53 13.75 8.08
C PRO A 215 -14.93 12.26 8.16
N LEU A 216 -13.96 11.35 8.12
CA LEU A 216 -14.24 9.91 8.26
C LEU A 216 -14.64 9.50 9.68
N VAL A 217 -14.19 10.26 10.68
CA VAL A 217 -14.38 9.93 12.09
C VAL A 217 -15.83 9.67 12.50
N ALA A 218 -16.73 10.55 12.14
CA ALA A 218 -18.11 10.46 12.62
C ALA A 218 -18.75 9.19 12.08
N LYS A 219 -18.47 8.82 10.84
CA LYS A 219 -19.05 7.62 10.26
C LYS A 219 -18.44 6.36 10.82
N VAL A 220 -17.12 6.36 11.06
CA VAL A 220 -16.46 5.22 11.70
C VAL A 220 -17.07 5.01 13.08
N ASN A 221 -17.20 6.08 13.86
CA ASN A 221 -17.89 5.98 15.16
C ASN A 221 -19.26 5.32 15.10
N ALA A 222 -20.07 5.75 14.13
CA ALA A 222 -21.44 5.20 13.95
C ALA A 222 -21.42 3.73 13.59
N GLU A 223 -20.51 3.35 12.68
CA GLU A 223 -20.43 1.92 12.32
C GLU A 223 -20.02 1.06 13.48
N LEU A 224 -19.09 1.59 14.27
CA LEU A 224 -18.52 0.83 15.36
C LEU A 224 -19.57 0.64 16.46
N ALA A 225 -20.34 1.70 16.76
CA ALA A 225 -21.44 1.63 17.79
C ALA A 225 -22.47 0.59 17.36
N ARG A 226 -22.81 0.60 16.07
CA ARG A 226 -23.67 -0.47 15.50
C ARG A 226 -23.14 -1.88 15.65
N MET A 227 -21.90 -2.11 15.24
CA MET A 227 -21.25 -3.44 15.36
C MET A 227 -21.23 -3.94 16.81
N LYS A 228 -21.03 -3.00 17.74
CA LYS A 228 -21.05 -3.29 19.17
C LYS A 228 -22.43 -3.70 19.60
N ALA A 229 -23.43 -2.90 19.18
CA ALA A 229 -24.85 -3.12 19.55
C ALA A 229 -25.44 -4.37 18.91
N ASP A 230 -24.90 -4.82 17.76
CA ASP A 230 -25.54 -5.93 17.05
C ASP A 230 -24.78 -7.24 17.02
N GLY A 231 -23.67 -7.32 17.75
CA GLY A 231 -22.92 -8.60 17.90
C GLY A 231 -21.75 -8.80 16.96
N ARG A 232 -21.63 -7.96 15.95
CA ARG A 232 -20.54 -8.15 14.98
C ARG A 232 -19.20 -7.88 15.64
N TYR A 233 -19.13 -6.84 16.47
CA TYR A 233 -17.97 -6.63 17.34
C TYR A 233 -17.64 -7.88 18.17
N ALA A 234 -18.61 -8.42 18.91
CA ALA A 234 -18.38 -9.67 19.70
C ALA A 234 -17.87 -10.88 18.85
N LYS A 235 -18.36 -11.07 17.64
CA LYS A 235 -17.92 -12.21 16.84
C LYS A 235 -16.44 -12.00 16.47
N ILE A 236 -16.06 -10.77 16.14
CA ILE A 236 -14.67 -10.50 15.75
C ILE A 236 -13.75 -10.64 16.95
N TYR A 237 -14.19 -10.15 18.09
CA TYR A 237 -13.43 -10.31 19.33
C TYR A 237 -13.25 -11.78 19.68
N LYS A 238 -14.33 -12.54 19.64
CA LYS A 238 -14.26 -13.96 20.06
C LYS A 238 -13.27 -14.68 19.16
N LYS A 239 -13.21 -14.33 17.89
CA LYS A 239 -12.29 -14.98 16.92
C LYS A 239 -10.84 -14.83 17.33
N TRP A 240 -10.47 -13.66 17.82
CA TRP A 240 -9.07 -13.39 18.11
C TRP A 240 -8.71 -13.66 19.55
N PHE A 241 -9.62 -13.38 20.48
CA PHE A 241 -9.30 -13.45 21.90
C PHE A 241 -9.90 -14.65 22.64
N GLY A 242 -10.73 -15.46 21.96
CA GLY A 242 -11.14 -16.77 22.50
C GLY A 242 -12.23 -16.73 23.55
N SER A 243 -12.33 -15.62 24.28
CA SER A 243 -13.43 -15.35 25.21
C SER A 243 -14.30 -14.29 24.56
N GLU A 244 -15.48 -14.05 25.14
CA GLU A 244 -16.31 -12.87 24.82
C GLU A 244 -15.70 -11.64 25.56
N PRO A 245 -16.12 -10.40 25.19
CA PRO A 245 -15.80 -9.22 26.02
C PRO A 245 -16.80 -8.98 27.16
N GLN A 249 -0.53 0.84 21.50
CA GLN A 249 0.80 1.31 21.07
C GLN A 249 0.80 2.83 20.93
N LYS B 24 -9.19 -24.55 -19.41
CA LYS B 24 -8.61 -23.69 -20.48
C LYS B 24 -7.50 -22.73 -19.97
N GLU B 25 -6.59 -22.39 -20.89
CA GLU B 25 -5.45 -21.50 -20.62
C GLU B 25 -5.67 -20.13 -21.24
N LEU B 26 -5.54 -19.09 -20.41
CA LEU B 26 -5.77 -17.70 -20.87
C LEU B 26 -4.58 -17.16 -21.69
N VAL B 27 -4.89 -16.44 -22.78
CA VAL B 27 -3.93 -15.73 -23.60
C VAL B 27 -3.95 -14.25 -23.15
N VAL B 28 -2.86 -13.83 -22.49
CA VAL B 28 -2.74 -12.51 -21.89
C VAL B 28 -1.87 -11.61 -22.76
N GLY B 29 -2.54 -10.75 -23.54
CA GLY B 29 -1.88 -9.75 -24.33
C GLY B 29 -1.18 -8.77 -23.42
N THR B 30 0.08 -8.47 -23.72
CA THR B 30 0.90 -7.65 -22.89
C THR B 30 1.70 -6.68 -23.72
N ASP B 31 1.81 -5.43 -23.28
CA ASP B 31 2.49 -4.40 -24.02
C ASP B 31 3.96 -4.77 -24.24
N THR B 32 4.42 -4.61 -25.49
CA THR B 32 5.80 -4.88 -25.87
C THR B 32 6.78 -4.22 -24.84
N SER B 33 6.45 -2.99 -24.42
CA SER B 33 7.39 -2.14 -23.64
C SER B 33 6.70 -0.93 -22.99
N PHE B 34 6.39 -1.05 -21.69
CA PHE B 34 5.77 0.02 -20.94
C PHE B 34 6.27 0.02 -19.49
N MET B 35 7.50 0.45 -19.33
CA MET B 35 8.18 0.41 -18.04
C MET B 35 7.48 1.34 -17.05
N PRO B 36 7.37 0.90 -15.80
CA PRO B 36 7.80 -0.35 -15.22
C PRO B 36 6.63 -1.36 -15.08
N PHE B 37 5.61 -1.21 -15.91
CA PHE B 37 4.47 -2.11 -15.88
C PHE B 37 4.71 -3.43 -16.61
N GLU B 38 5.35 -3.39 -17.78
CA GLU B 38 5.73 -4.56 -18.58
C GLU B 38 6.96 -4.23 -19.35
N PHE B 39 7.95 -5.10 -19.34
CA PHE B 39 9.08 -4.93 -20.22
C PHE B 39 9.87 -6.21 -20.24
N LYS B 40 10.66 -6.44 -21.31
CA LYS B 40 11.50 -7.64 -21.43
C LYS B 40 12.75 -7.53 -20.53
N GLN B 41 12.97 -8.57 -19.72
CA GLN B 41 14.28 -8.79 -19.09
C GLN B 41 14.76 -10.23 -19.25
N GLY B 42 15.78 -10.44 -20.07
CA GLY B 42 16.22 -11.80 -20.43
C GLY B 42 15.18 -12.54 -21.26
N ASP B 43 14.92 -13.80 -20.92
CA ASP B 43 13.89 -14.61 -21.60
C ASP B 43 12.50 -14.36 -20.99
N LYS B 44 12.34 -13.30 -20.18
CA LYS B 44 11.11 -13.08 -19.40
C LYS B 44 10.60 -11.60 -19.48
N TYR B 45 9.27 -11.48 -19.50
CA TYR B 45 8.61 -10.21 -19.20
C TYR B 45 8.49 -10.06 -17.66
N VAL B 46 8.85 -8.88 -17.15
CA VAL B 46 8.73 -8.55 -15.73
C VAL B 46 7.96 -7.22 -15.65
N GLY B 47 7.49 -6.90 -14.46
CA GLY B 47 6.90 -5.58 -14.20
C GLY B 47 5.73 -5.64 -13.25
N PHE B 48 5.27 -4.47 -12.81
CA PHE B 48 4.12 -4.34 -11.89
C PHE B 48 2.89 -5.09 -12.39
N ASP B 49 2.52 -4.88 -13.66
CA ASP B 49 1.36 -5.59 -14.22
C ASP B 49 1.54 -7.11 -14.16
N LEU B 50 2.75 -7.57 -14.45
CA LEU B 50 3.01 -9.04 -14.43
C LEU B 50 2.86 -9.64 -13.04
N ASP B 51 3.41 -8.96 -12.03
CA ASP B 51 3.31 -9.42 -10.64
C ASP B 51 1.88 -9.30 -10.14
N LEU B 52 1.23 -8.20 -10.46
CA LEU B 52 -0.16 -8.06 -10.05
C LEU B 52 -1.00 -9.17 -10.62
N TRP B 53 -0.84 -9.42 -11.91
CA TRP B 53 -1.63 -10.44 -12.61
C TRP B 53 -1.32 -11.87 -12.17
N ALA B 54 -0.04 -12.16 -11.91
CA ALA B 54 0.34 -13.48 -11.41
C ALA B 54 -0.45 -13.73 -10.13
N GLU B 55 -0.56 -12.70 -9.28
CA GLU B 55 -1.15 -12.95 -7.97
C GLU B 55 -2.65 -13.09 -8.09
N ILE B 56 -3.28 -12.28 -8.96
CA ILE B 56 -4.70 -12.46 -9.28
C ILE B 56 -4.99 -13.85 -9.83
N ALA B 57 -4.15 -14.30 -10.77
CA ALA B 57 -4.27 -15.62 -11.44
C ALA B 57 -4.13 -16.74 -10.44
N LYS B 58 -3.11 -16.64 -9.60
CA LYS B 58 -2.92 -17.61 -8.54
C LYS B 58 -4.19 -17.76 -7.67
N GLY B 59 -4.70 -16.67 -7.14
CA GLY B 59 -5.88 -16.74 -6.27
C GLY B 59 -7.11 -17.29 -6.96
N ALA B 60 -7.27 -16.97 -8.24
CA ALA B 60 -8.46 -17.37 -8.95
C ALA B 60 -8.31 -18.78 -9.47
N GLY B 61 -7.06 -19.27 -9.54
CA GLY B 61 -6.79 -20.65 -10.02
C GLY B 61 -6.68 -20.82 -11.52
N TRP B 62 -6.20 -19.80 -12.23
CA TRP B 62 -6.09 -19.83 -13.67
C TRP B 62 -4.67 -20.01 -14.10
N THR B 63 -4.49 -20.76 -15.19
CA THR B 63 -3.21 -20.83 -15.89
C THR B 63 -3.28 -19.92 -17.12
N TYR B 64 -2.14 -19.38 -17.52
CA TYR B 64 -2.09 -18.40 -18.59
C TYR B 64 -0.74 -18.39 -19.31
N LYS B 65 -0.74 -17.89 -20.55
CA LYS B 65 0.46 -17.66 -21.36
C LYS B 65 0.48 -16.12 -21.61
N ILE B 66 1.65 -15.49 -21.49
CA ILE B 66 1.90 -14.07 -21.84
C ILE B 66 2.16 -13.92 -23.33
N GLN B 67 1.63 -12.87 -23.95
CA GLN B 67 1.82 -12.67 -25.40
C GLN B 67 2.14 -11.20 -25.67
N PRO B 68 3.42 -10.88 -25.81
CA PRO B 68 3.82 -9.52 -26.05
C PRO B 68 3.25 -9.03 -27.36
N MET B 69 2.78 -7.78 -27.38
CA MET B 69 2.30 -7.12 -28.59
C MET B 69 2.20 -5.62 -28.41
N ASP B 70 2.44 -4.89 -29.49
CA ASP B 70 2.35 -3.44 -29.46
C ASP B 70 0.96 -3.00 -29.06
N PHE B 71 0.92 -1.92 -28.27
CA PHE B 71 -0.31 -1.43 -27.67
C PHE B 71 -1.45 -1.33 -28.69
N ALA B 72 -1.16 -0.82 -29.86
CA ALA B 72 -2.20 -0.59 -30.86
C ALA B 72 -3.06 -1.82 -31.12
N GLY B 73 -2.48 -3.00 -31.00
CA GLY B 73 -3.19 -4.24 -31.30
C GLY B 73 -4.08 -4.77 -30.18
N LEU B 74 -3.91 -4.25 -28.97
CA LEU B 74 -4.58 -4.90 -27.80
C LEU B 74 -6.11 -4.72 -27.80
N ILE B 75 -6.59 -3.48 -27.99
CA ILE B 75 -8.04 -3.25 -27.93
C ILE B 75 -8.72 -4.02 -29.07
N PRO B 76 -8.16 -3.94 -30.29
CA PRO B 76 -8.72 -4.78 -31.35
C PRO B 76 -8.71 -6.27 -31.03
N ALA B 77 -7.66 -6.74 -30.36
CA ALA B 77 -7.57 -8.18 -30.05
C ALA B 77 -8.63 -8.54 -29.04
N LEU B 78 -8.92 -7.63 -28.11
CA LEU B 78 -9.98 -7.87 -27.13
C LEU B 78 -11.36 -7.91 -27.78
N GLN B 79 -11.62 -6.99 -28.71
CA GLN B 79 -12.89 -6.93 -29.44
C GLN B 79 -13.16 -8.19 -30.26
N THR B 80 -12.13 -8.86 -30.73
CA THR B 80 -12.33 -10.07 -31.52
C THR B 80 -12.11 -11.36 -30.72
N GLN B 81 -11.88 -11.22 -29.42
CA GLN B 81 -11.62 -12.36 -28.53
C GLN B 81 -10.39 -13.15 -28.96
N ASN B 82 -9.42 -12.49 -29.56
CA ASN B 82 -8.16 -13.14 -29.90
C ASN B 82 -7.14 -13.17 -28.75
N ILE B 83 -7.34 -12.32 -27.73
CA ILE B 83 -6.68 -12.45 -26.41
C ILE B 83 -7.78 -12.36 -25.34
N ASP B 84 -7.58 -12.96 -24.16
CA ASP B 84 -8.59 -12.99 -23.07
C ASP B 84 -8.41 -11.90 -22.01
N VAL B 85 -7.17 -11.38 -21.94
CA VAL B 85 -6.79 -10.35 -20.99
C VAL B 85 -5.77 -9.45 -21.67
N ALA B 86 -5.81 -8.14 -21.39
CA ALA B 86 -4.79 -7.20 -21.82
C ALA B 86 -4.18 -6.54 -20.59
N LEU B 87 -2.85 -6.60 -20.49
CA LEU B 87 -2.09 -5.91 -19.42
C LEU B 87 -1.23 -4.83 -20.06
N SER B 88 -1.53 -3.57 -19.82
CA SER B 88 -0.77 -2.52 -20.49
C SER B 88 -0.85 -1.14 -19.83
N GLY B 89 -1.00 -1.11 -18.51
CA GLY B 89 -1.32 0.15 -17.83
C GLY B 89 -2.42 0.84 -18.60
N MET B 90 -3.45 0.07 -18.93
CA MET B 90 -4.49 0.57 -19.84
C MET B 90 -5.38 1.56 -19.11
N THR B 91 -5.47 2.76 -19.67
CA THR B 91 -6.31 3.80 -19.11
C THR B 91 -7.81 3.45 -19.28
N ILE B 92 -8.53 3.45 -18.14
CA ILE B 92 -10.00 3.28 -18.11
C ILE B 92 -10.64 4.55 -18.75
N LYS B 93 -11.44 4.34 -19.78
CA LYS B 93 -12.18 5.40 -20.47
C LYS B 93 -13.58 4.85 -20.72
N GLU B 94 -14.66 5.61 -20.45
CA GLU B 94 -16.00 5.11 -20.75
C GLU B 94 -16.21 4.94 -22.26
N GLU B 95 -15.52 5.69 -23.09
CA GLU B 95 -15.56 5.45 -24.51
C GLU B 95 -15.06 4.03 -24.89
N ARG B 96 -14.00 3.58 -24.24
CA ARG B 96 -13.44 2.28 -24.53
C ARG B 96 -14.32 1.20 -23.96
N ARG B 97 -14.93 1.46 -22.79
CA ARG B 97 -15.88 0.54 -22.17
C ARG B 97 -17.06 0.15 -23.07
N LYS B 98 -17.37 1.00 -24.04
CA LYS B 98 -18.39 0.67 -25.03
C LYS B 98 -18.05 -0.61 -25.79
N ALA B 99 -16.75 -0.80 -26.04
CA ALA B 99 -16.24 -1.91 -26.82
C ALA B 99 -15.66 -3.05 -25.95
N ILE B 100 -14.99 -2.72 -24.86
CA ILE B 100 -14.34 -3.73 -24.00
C ILE B 100 -14.75 -3.57 -22.55
N ASP B 101 -14.33 -4.50 -21.70
CA ASP B 101 -14.58 -4.46 -20.25
C ASP B 101 -13.26 -4.17 -19.53
N PHE B 102 -13.35 -3.49 -18.41
CA PHE B 102 -12.20 -3.19 -17.53
C PHE B 102 -12.37 -3.79 -16.12
N SER B 103 -11.31 -4.27 -15.51
CA SER B 103 -11.30 -4.45 -14.06
C SER B 103 -11.54 -3.12 -13.37
N ASP B 104 -11.78 -3.19 -12.05
CA ASP B 104 -11.67 -2.03 -11.17
C ASP B 104 -10.28 -1.41 -11.31
N PRO B 105 -10.14 -0.11 -11.02
CA PRO B 105 -8.87 0.55 -11.12
C PRO B 105 -7.85 -0.01 -10.15
N TYR B 106 -6.61 -0.14 -10.61
CA TYR B 106 -5.53 -0.65 -9.81
C TYR B 106 -4.33 0.32 -9.69
N TYR B 107 -4.44 1.52 -10.25
CA TYR B 107 -3.31 2.48 -10.29
C TYR B 107 -3.82 3.82 -10.73
N ASP B 108 -3.37 4.86 -10.02
CA ASP B 108 -3.69 6.24 -10.35
C ASP B 108 -2.51 6.87 -11.13
N SER B 109 -2.79 7.42 -12.31
CA SER B 109 -1.71 7.89 -13.21
C SER B 109 -2.06 9.24 -13.79
N GLY B 110 -1.33 9.62 -14.83
CA GLY B 110 -1.54 10.85 -15.53
C GLY B 110 -0.60 10.93 -16.72
N LEU B 111 -0.41 12.16 -17.24
CA LEU B 111 0.46 12.44 -18.37
C LEU B 111 1.52 13.49 -18.05
N ALA B 112 2.72 13.30 -18.61
CA ALA B 112 3.84 14.21 -18.37
C ALA B 112 4.59 14.49 -19.68
N ALA B 113 5.26 15.64 -19.71
CA ALA B 113 6.03 16.11 -20.83
C ALA B 113 7.53 15.91 -20.50
N MET B 114 8.29 15.40 -21.45
CA MET B 114 9.72 15.18 -21.35
C MET B 114 10.41 16.03 -22.41
N VAL B 115 11.50 16.68 -22.02
CA VAL B 115 12.29 17.55 -22.89
C VAL B 115 13.76 17.23 -22.66
N GLN B 116 14.64 17.68 -23.56
CA GLN B 116 16.06 17.43 -23.35
C GLN B 116 16.54 18.16 -22.11
N ALA B 117 17.53 17.60 -21.41
CA ALA B 117 18.11 18.23 -20.21
C ALA B 117 18.51 19.69 -20.48
N ASN B 118 19.16 19.86 -21.61
CA ASN B 118 19.45 21.13 -22.28
C ASN B 118 18.39 22.21 -22.30
N ASN B 119 17.12 21.80 -22.35
CA ASN B 119 16.06 22.71 -22.70
C ASN B 119 15.67 23.66 -21.56
N THR B 120 15.62 24.95 -21.89
CA THR B 120 15.23 26.01 -20.95
C THR B 120 14.03 26.82 -21.50
N THR B 121 13.45 26.37 -22.63
CA THR B 121 12.33 26.99 -23.36
C THR B 121 10.94 26.55 -22.88
N ILE B 122 10.80 25.27 -22.56
CA ILE B 122 9.51 24.65 -22.35
C ILE B 122 9.36 24.39 -20.87
N LYS B 123 8.63 25.25 -20.19
CA LYS B 123 8.58 25.26 -18.74
C LYS B 123 7.33 24.53 -18.24
N SER B 124 6.23 24.57 -19.00
CA SER B 124 5.02 23.79 -18.68
C SER B 124 4.56 22.94 -19.88
N ILE B 125 3.47 22.19 -19.72
CA ILE B 125 2.80 21.57 -20.86
C ILE B 125 2.17 22.62 -21.82
N ASP B 126 1.78 23.79 -21.34
CA ASP B 126 1.17 24.83 -22.20
C ASP B 126 2.20 25.36 -23.22
N ASP B 127 3.48 25.26 -22.90
CA ASP B 127 4.53 25.66 -23.81
C ASP B 127 4.72 24.68 -24.99
N LEU B 128 3.96 23.57 -25.00
CA LEU B 128 3.99 22.63 -26.12
C LEU B 128 3.12 23.05 -27.29
N ASN B 129 2.27 24.06 -27.13
CA ASN B 129 1.60 24.64 -28.31
C ASN B 129 2.62 25.10 -29.33
N GLY B 130 2.40 24.80 -30.60
CA GLY B 130 3.34 25.17 -31.65
C GLY B 130 4.58 24.30 -31.78
N LYS B 131 4.77 23.32 -30.88
CA LYS B 131 5.97 22.48 -30.90
C LYS B 131 5.71 21.09 -31.52
N VAL B 132 6.80 20.39 -31.77
CA VAL B 132 6.77 19.05 -32.31
C VAL B 132 6.86 18.06 -31.14
N ILE B 133 5.81 17.25 -30.94
CA ILE B 133 5.71 16.32 -29.82
C ILE B 133 5.76 14.87 -30.27
N ALA B 134 6.69 14.07 -29.71
CA ALA B 134 6.75 12.61 -29.96
C ALA B 134 5.79 11.92 -29.01
N ALA B 135 5.04 10.92 -29.50
CA ALA B 135 4.01 10.19 -28.71
C ALA B 135 3.76 8.79 -29.32
N LYS B 136 3.01 7.96 -28.60
CA LYS B 136 2.90 6.52 -28.96
C LYS B 136 1.57 6.23 -29.61
N THR B 137 1.63 5.64 -30.82
CA THR B 137 0.46 5.36 -31.61
C THR B 137 -0.59 4.60 -30.87
N GLY B 138 -1.83 5.02 -31.03
CA GLY B 138 -2.98 4.32 -30.43
C GLY B 138 -3.21 4.54 -28.96
N THR B 139 -2.33 5.29 -28.28
CA THR B 139 -2.51 5.51 -26.85
C THR B 139 -3.36 6.74 -26.52
N ALA B 140 -3.81 6.78 -25.28
CA ALA B 140 -4.69 7.82 -24.79
C ALA B 140 -3.98 9.18 -24.83
N THR B 141 -2.65 9.18 -24.82
CA THR B 141 -1.88 10.42 -24.91
C THR B 141 -2.26 11.25 -26.17
N ILE B 142 -2.49 10.59 -27.30
CA ILE B 142 -2.71 11.26 -28.58
C ILE B 142 -4.06 11.99 -28.52
N ASP B 143 -5.07 11.28 -28.04
CA ASP B 143 -6.42 11.86 -27.81
C ASP B 143 -6.37 13.07 -26.93
N TRP B 144 -5.50 13.06 -25.94
CA TRP B 144 -5.43 14.16 -25.00
C TRP B 144 -4.82 15.38 -25.62
N ILE B 145 -3.70 15.18 -26.28
CA ILE B 145 -3.04 16.25 -27.02
C ILE B 145 -4.01 16.88 -28.04
N LYS B 146 -4.67 16.06 -28.83
CA LYS B 146 -5.64 16.56 -29.80
C LYS B 146 -6.74 17.38 -29.12
N ALA B 147 -7.14 16.96 -27.93
CA ALA B 147 -8.20 17.64 -27.18
C ALA B 147 -7.76 18.97 -26.54
N HIS B 148 -6.48 19.10 -26.16
CA HIS B 148 -6.07 20.21 -25.29
C HIS B 148 -4.95 21.07 -25.79
N LEU B 149 -4.27 20.65 -26.85
CA LEU B 149 -3.12 21.39 -27.33
C LEU B 149 -3.25 21.68 -28.83
N LYS B 150 -2.49 22.66 -29.30
CA LYS B 150 -2.41 22.94 -30.71
C LYS B 150 -0.92 22.85 -31.07
N PRO B 151 -0.37 21.62 -31.08
CA PRO B 151 1.04 21.44 -31.49
C PRO B 151 1.28 21.69 -32.97
N LYS B 152 2.53 22.00 -33.33
CA LYS B 152 2.94 22.04 -34.75
C LYS B 152 2.78 20.64 -35.36
N GLU B 153 3.15 19.60 -34.61
CA GLU B 153 3.10 18.20 -35.10
C GLU B 153 3.06 17.18 -33.97
N ILE B 154 2.32 16.09 -34.21
CA ILE B 154 2.39 14.87 -33.39
C ILE B 154 3.11 13.79 -34.20
N ARG B 155 4.37 13.57 -33.85
CA ARG B 155 5.11 12.48 -34.41
C ARG B 155 4.89 11.16 -33.64
N GLN B 156 4.29 10.19 -34.34
CA GLN B 156 3.80 8.95 -33.73
C GLN B 156 4.74 7.76 -33.91
N PHE B 157 4.97 7.01 -32.85
CA PHE B 157 5.81 5.82 -32.91
C PHE B 157 5.05 4.64 -32.30
N PRO B 158 5.17 3.44 -32.90
CA PRO B 158 4.50 2.28 -32.34
C PRO B 158 4.88 1.99 -30.89
N ASN B 159 6.12 2.29 -30.51
CA ASN B 159 6.59 2.09 -29.14
C ASN B 159 7.27 3.34 -28.58
N ILE B 160 7.13 3.53 -27.28
CA ILE B 160 7.50 4.80 -26.65
C ILE B 160 9.02 4.94 -26.64
N ASP B 161 9.74 3.84 -26.56
CA ASP B 161 11.22 3.88 -26.60
C ASP B 161 11.73 4.75 -27.74
N GLN B 162 11.08 4.67 -28.90
CA GLN B 162 11.54 5.38 -30.09
C GLN B 162 11.22 6.89 -29.98
N ALA B 163 10.06 7.21 -29.42
CA ALA B 163 9.70 8.58 -29.12
C ALA B 163 10.78 9.25 -28.24
N TYR B 164 11.24 8.55 -27.22
CA TYR B 164 12.26 9.11 -26.34
C TYR B 164 13.61 9.20 -27.06
N LEU B 165 13.92 8.22 -27.89
CA LEU B 165 15.11 8.27 -28.73
C LEU B 165 15.04 9.50 -29.66
N ALA B 166 13.89 9.75 -30.26
CA ALA B 166 13.75 10.93 -31.15
C ALA B 166 14.01 12.21 -30.37
N LEU B 167 13.62 12.25 -29.10
CA LEU B 167 13.86 13.43 -28.27
C LEU B 167 15.34 13.59 -27.97
N GLU B 168 15.98 12.48 -27.57
CA GLU B 168 17.42 12.49 -27.32
C GLU B 168 18.23 12.91 -28.54
N ALA B 169 17.75 12.54 -29.72
CA ALA B 169 18.43 12.87 -30.97
C ALA B 169 18.16 14.31 -31.40
N GLY B 170 17.28 15.02 -30.70
CA GLY B 170 16.89 16.37 -31.10
C GLY B 170 15.94 16.49 -32.29
N ARG B 171 15.19 15.44 -32.59
CA ARG B 171 14.28 15.45 -33.75
C ARG B 171 12.90 16.03 -33.40
N VAL B 172 12.63 16.17 -32.11
CA VAL B 172 11.36 16.71 -31.64
C VAL B 172 11.68 17.64 -30.47
N ASP B 173 10.77 18.54 -30.14
CA ASP B 173 10.92 19.40 -28.97
C ASP B 173 10.62 18.71 -27.66
N ALA B 174 9.69 17.76 -27.66
CA ALA B 174 9.31 17.03 -26.43
C ALA B 174 8.66 15.71 -26.75
N ALA B 175 8.55 14.86 -25.75
CA ALA B 175 7.76 13.64 -25.83
C ALA B 175 6.75 13.75 -24.70
N MET B 176 5.58 13.13 -24.86
CA MET B 176 4.57 13.05 -23.79
C MET B 176 4.05 11.61 -23.66
N HIS B 177 3.87 11.18 -22.43
CA HIS B 177 3.28 9.89 -22.18
C HIS B 177 2.94 9.75 -20.73
N ASP B 178 2.57 8.55 -20.31
CA ASP B 178 2.09 8.34 -18.95
C ASP B 178 3.19 8.71 -17.95
N THR B 179 2.79 9.39 -16.88
CA THR B 179 3.70 9.96 -15.87
C THR B 179 4.74 8.93 -15.38
N PRO B 180 4.29 7.79 -14.82
CA PRO B 180 5.27 6.83 -14.31
C PRO B 180 6.26 6.31 -15.37
N ASN B 181 5.84 6.17 -16.62
CA ASN B 181 6.75 5.77 -17.72
C ASN B 181 7.79 6.86 -18.03
N VAL B 182 7.34 8.10 -18.07
CA VAL B 182 8.22 9.22 -18.29
C VAL B 182 9.19 9.37 -17.12
N LEU B 183 8.65 9.27 -15.90
CA LEU B 183 9.48 9.44 -14.68
C LEU B 183 10.52 8.36 -14.59
N PHE B 184 10.09 7.14 -14.89
CA PHE B 184 10.99 6.00 -14.88
C PHE B 184 12.13 6.20 -15.90
N PHE B 185 11.81 6.64 -17.11
CA PHE B 185 12.85 6.84 -18.08
C PHE B 185 13.84 7.91 -17.65
N VAL B 186 13.31 9.05 -17.20
CA VAL B 186 14.12 10.15 -16.75
C VAL B 186 15.07 9.71 -15.62
N ASN B 187 14.63 8.84 -14.73
CA ASN B 187 15.48 8.39 -13.61
C ASN B 187 16.43 7.27 -13.94
N ASN B 188 16.15 6.51 -14.99
CA ASN B 188 16.97 5.34 -15.34
C ASN B 188 17.70 5.59 -16.67
N GLU B 189 17.23 5.03 -17.78
CA GLU B 189 17.97 5.10 -19.02
C GLU B 189 18.26 6.57 -19.46
N GLY B 190 17.33 7.49 -19.26
CA GLY B 190 17.51 8.90 -19.66
C GLY B 190 18.18 9.88 -18.70
N LYS B 191 18.69 9.40 -17.56
CA LYS B 191 19.33 10.23 -16.52
C LYS B 191 20.40 11.18 -17.08
N GLY B 192 20.16 12.48 -16.94
CA GLY B 192 21.06 13.51 -17.42
C GLY B 192 20.96 13.85 -18.91
N ARG B 193 20.12 13.13 -19.68
CA ARG B 193 19.91 13.47 -21.12
C ARG B 193 18.54 14.14 -21.33
N VAL B 194 17.53 13.71 -20.57
CA VAL B 194 16.18 14.26 -20.64
C VAL B 194 15.66 14.62 -19.23
N LYS B 195 14.61 15.45 -19.14
CA LYS B 195 13.97 15.78 -17.86
C LYS B 195 12.47 16.03 -18.02
N VAL B 196 11.74 16.12 -16.91
CA VAL B 196 10.29 16.43 -16.93
C VAL B 196 10.19 17.94 -17.08
N ALA B 197 9.30 18.41 -17.94
CA ALA B 197 9.00 19.83 -18.08
C ALA B 197 7.63 20.05 -17.47
N GLY B 198 7.59 20.87 -16.42
CA GLY B 198 6.33 21.30 -15.82
C GLY B 198 5.78 20.28 -14.83
N ALA B 199 4.49 20.38 -14.57
CA ALA B 199 3.81 19.46 -13.69
C ALA B 199 3.01 18.45 -14.55
N PRO B 200 2.98 17.19 -14.14
CA PRO B 200 2.10 16.25 -14.82
C PRO B 200 0.64 16.62 -14.64
N VAL B 201 -0.21 16.22 -15.59
CA VAL B 201 -1.65 16.27 -15.44
C VAL B 201 -2.13 14.88 -14.94
N SER B 202 -2.88 14.87 -13.84
CA SER B 202 -3.20 13.66 -13.13
C SER B 202 -4.67 13.36 -13.35
N GLY B 203 -5.22 12.32 -12.69
CA GLY B 203 -6.67 11.98 -12.82
C GLY B 203 -6.99 10.70 -13.59
N ASP B 204 -6.01 10.03 -14.16
CA ASP B 204 -6.26 8.85 -14.94
C ASP B 204 -6.17 7.62 -14.02
N LYS B 205 -6.83 6.53 -14.42
CA LYS B 205 -6.75 5.27 -13.73
C LYS B 205 -6.54 4.12 -14.69
N TYR B 206 -5.79 3.13 -14.25
CA TYR B 206 -5.53 1.95 -15.03
C TYR B 206 -6.45 0.81 -14.64
N GLY B 207 -6.83 0.04 -15.64
CA GLY B 207 -7.51 -1.23 -15.43
C GLY B 207 -6.92 -2.33 -16.29
N ILE B 208 -7.17 -3.57 -15.85
CA ILE B 208 -6.93 -4.72 -16.70
C ILE B 208 -8.05 -4.75 -17.76
N GLY B 209 -7.69 -4.99 -19.02
CA GLY B 209 -8.67 -5.07 -20.12
C GLY B 209 -9.18 -6.49 -20.42
N PHE B 210 -10.43 -6.61 -20.84
CA PHE B 210 -11.04 -7.90 -21.19
C PHE B 210 -11.99 -7.74 -22.36
N PRO B 211 -12.32 -8.86 -23.04
CA PRO B 211 -13.43 -8.77 -24.00
C PRO B 211 -14.77 -8.48 -23.32
N LYS B 212 -15.64 -7.76 -24.03
CA LYS B 212 -16.95 -7.40 -23.54
C LYS B 212 -17.70 -8.65 -23.06
N GLY B 213 -18.24 -8.61 -21.85
CA GLY B 213 -18.95 -9.74 -21.29
C GLY B 213 -18.06 -10.90 -20.80
N SER B 214 -16.73 -10.70 -20.71
CA SER B 214 -15.84 -11.73 -20.15
C SER B 214 -16.30 -12.14 -18.75
N PRO B 215 -16.30 -13.44 -18.46
CA PRO B 215 -16.66 -13.93 -17.10
C PRO B 215 -15.51 -13.86 -16.11
N LEU B 216 -14.32 -13.45 -16.55
CA LEU B 216 -13.17 -13.32 -15.65
C LEU B 216 -13.28 -12.08 -14.72
N VAL B 217 -13.98 -11.05 -15.19
CA VAL B 217 -13.98 -9.71 -14.56
C VAL B 217 -14.36 -9.77 -13.05
N ALA B 218 -15.43 -10.46 -12.71
CA ALA B 218 -15.91 -10.49 -11.34
C ALA B 218 -14.86 -11.05 -10.42
N LYS B 219 -14.25 -12.18 -10.79
CA LYS B 219 -13.25 -12.83 -9.93
C LYS B 219 -11.97 -11.99 -9.87
N VAL B 220 -11.56 -11.35 -10.97
CA VAL B 220 -10.41 -10.45 -10.93
C VAL B 220 -10.70 -9.31 -9.93
N ASN B 221 -11.83 -8.64 -10.09
CA ASN B 221 -12.23 -7.61 -9.13
C ASN B 221 -12.15 -8.05 -7.64
N ALA B 222 -12.67 -9.25 -7.36
CA ALA B 222 -12.63 -9.79 -5.99
C ALA B 222 -11.19 -10.07 -5.52
N GLU B 223 -10.35 -10.61 -6.39
CA GLU B 223 -8.97 -10.90 -6.00
C GLU B 223 -8.19 -9.64 -5.73
N LEU B 224 -8.45 -8.62 -6.53
CA LEU B 224 -7.73 -7.37 -6.44
C LEU B 224 -8.11 -6.65 -5.15
N ALA B 225 -9.41 -6.68 -4.82
CA ALA B 225 -9.92 -6.02 -3.61
C ALA B 225 -9.29 -6.68 -2.39
N ARG B 226 -9.23 -8.01 -2.41
CA ARG B 226 -8.51 -8.76 -1.36
C ARG B 226 -7.03 -8.41 -1.23
N MET B 227 -6.33 -8.39 -2.35
CA MET B 227 -4.89 -8.06 -2.34
C MET B 227 -4.64 -6.68 -1.71
N LYS B 228 -5.55 -5.75 -2.00
CA LYS B 228 -5.48 -4.39 -1.49
C LYS B 228 -5.71 -4.43 0.02
N ALA B 229 -6.73 -5.18 0.46
CA ALA B 229 -7.10 -5.35 1.88
C ALA B 229 -6.04 -6.04 2.69
N ASP B 230 -5.24 -6.90 2.06
CA ASP B 230 -4.38 -7.76 2.85
C ASP B 230 -2.90 -7.53 2.70
N GLY B 231 -2.52 -6.48 1.98
CA GLY B 231 -1.10 -6.08 1.87
C GLY B 231 -0.33 -6.57 0.65
N ARG B 232 -0.91 -7.50 -0.09
CA ARG B 232 -0.19 -8.08 -1.22
C ARG B 232 -0.08 -7.04 -2.32
N TYR B 233 -1.15 -6.25 -2.52
CA TYR B 233 -1.02 -5.06 -3.39
C TYR B 233 0.16 -4.20 -2.96
N ALA B 234 0.21 -3.79 -1.69
CA ALA B 234 1.31 -2.95 -1.19
C ALA B 234 2.72 -3.55 -1.43
N LYS B 235 2.91 -4.87 -1.28
CA LYS B 235 4.26 -5.44 -1.51
C LYS B 235 4.62 -5.26 -3.00
N ILE B 236 3.65 -5.48 -3.89
CA ILE B 236 3.94 -5.34 -5.33
C ILE B 236 4.24 -3.88 -5.70
N TYR B 237 3.48 -2.97 -5.18
CA TYR B 237 3.72 -1.57 -5.39
C TYR B 237 5.07 -1.09 -4.84
N LYS B 238 5.40 -1.45 -3.59
CA LYS B 238 6.67 -1.05 -3.04
C LYS B 238 7.83 -1.57 -3.94
N LYS B 239 7.69 -2.78 -4.47
CA LYS B 239 8.77 -3.38 -5.26
C LYS B 239 9.10 -2.53 -6.48
N TRP B 240 8.07 -1.94 -7.12
CA TRP B 240 8.26 -1.24 -8.39
C TRP B 240 8.33 0.25 -8.27
N PHE B 241 7.70 0.81 -7.24
CA PHE B 241 7.66 2.27 -7.06
C PHE B 241 8.30 2.83 -5.79
N GLY B 242 8.74 1.99 -4.86
CA GLY B 242 9.12 2.49 -3.54
C GLY B 242 7.87 3.00 -2.85
N GLN B 249 -2.21 4.07 -20.45
CA GLN B 249 -2.08 4.22 -21.89
C GLN B 249 -3.42 4.03 -22.60
#